data_9WFH
#
_entry.id   9WFH
#
_cell.length_a   54.780
_cell.length_b   54.780
_cell.length_c   202.900
_cell.angle_alpha   90.00
_cell.angle_beta   90.00
_cell.angle_gamma   90.00
#
_symmetry.space_group_name_H-M   'P 41 21 2'
#
loop_
_entity.id
_entity.type
_entity.pdbx_description
1 polymer Lacto-N-biosidase
2 non-polymer 'CALCIUM ION'
3 water water
#
_entity_poly.entity_id   1
_entity_poly.type   'polypeptide(L)'
_entity_poly.pdbx_seq_one_letter_code
;MGSSHHHHHHSSGLVPRGSSLTKDVEASDYAASSQETTGEHAPVGNAFDKNANTFWHSKYSNPSANLPHWLAFKASPGEG
NKIAAITHLYRQDKLNGPAKNVAVYVVAASDANSVADVTNWGEPVATAEFPYTKELQTIALPNTIPSGDVYVKFQINDAW
GLTETSAGVTWAAVAELAATAKA
;
_entity_poly.pdbx_strand_id   A,B
#
loop_
_chem_comp.id
_chem_comp.type
_chem_comp.name
_chem_comp.formula
CA non-polymer 'CALCIUM ION' 'Ca 2'
#
# COMPACT_ATOMS: atom_id res chain seq x y z
N LEU A 21 -14.05 -21.30 -2.14
CA LEU A 21 -15.15 -20.40 -2.61
C LEU A 21 -14.64 -18.96 -2.54
N THR A 22 -14.07 -18.51 -3.69
CA THR A 22 -13.61 -17.16 -3.97
C THR A 22 -12.76 -16.57 -2.85
N LYS A 23 -12.12 -17.42 -2.02
CA LYS A 23 -11.42 -16.98 -0.82
C LYS A 23 -9.91 -17.02 -1.04
N ASP A 24 -9.18 -16.30 -0.20
CA ASP A 24 -7.76 -16.09 -0.43
C ASP A 24 -6.97 -17.22 0.22
N VAL A 25 -5.75 -17.45 -0.27
CA VAL A 25 -4.96 -18.59 0.12
C VAL A 25 -3.67 -18.12 0.78
N GLU A 26 -3.22 -18.90 1.78
CA GLU A 26 -2.00 -18.59 2.50
C GLU A 26 -0.85 -18.59 1.49
N ALA A 27 -0.10 -17.49 1.48
CA ALA A 27 1.08 -17.36 0.64
C ALA A 27 2.32 -17.40 1.53
N SER A 28 3.45 -17.87 1.03
CA SER A 28 4.68 -17.80 1.81
C SER A 28 5.88 -17.99 0.89
N ASP A 29 7.08 -17.92 1.46
CA ASP A 29 8.28 -18.29 0.74
C ASP A 29 8.34 -17.46 -0.55
N TYR A 30 8.49 -16.14 -0.39
CA TYR A 30 8.40 -15.24 -1.52
C TYR A 30 9.74 -15.13 -2.21
N ALA A 31 9.73 -15.00 -3.53
CA ALA A 31 10.96 -14.77 -4.28
C ALA A 31 10.67 -13.86 -5.48
N ALA A 32 11.71 -13.23 -6.02
CA ALA A 32 11.56 -12.33 -7.14
C ALA A 32 12.80 -12.40 -8.02
N SER A 33 12.61 -12.07 -9.29
CA SER A 33 13.70 -12.04 -10.23
C SER A 33 14.74 -11.03 -9.76
N SER A 34 14.24 -9.91 -9.23
CA SER A 34 15.06 -8.84 -8.72
C SER A 34 14.13 -7.97 -7.89
N GLN A 35 14.70 -7.03 -7.12
CA GLN A 35 13.88 -6.09 -6.36
C GLN A 35 14.68 -4.84 -6.05
N GLU A 36 13.98 -3.69 -5.92
CA GLU A 36 14.62 -2.42 -5.59
C GLU A 36 14.57 -2.21 -4.08
N THR A 37 15.75 -2.07 -3.46
CA THR A 37 15.82 -1.70 -2.05
C THR A 37 16.74 -0.50 -1.85
N THR A 38 17.31 0.05 -2.92
CA THR A 38 18.29 1.11 -2.81
C THR A 38 17.59 2.45 -3.04
N GLY A 39 17.00 2.62 -4.22
CA GLY A 39 16.34 3.87 -4.57
C GLY A 39 15.04 4.07 -3.79
N GLU A 40 14.43 2.97 -3.31
CA GLU A 40 13.25 3.01 -2.46
C GLU A 40 13.09 1.62 -1.84
N HIS A 41 12.17 1.50 -0.89
CA HIS A 41 11.96 0.25 -0.17
C HIS A 41 10.84 -0.55 -0.86
N ALA A 42 11.24 -1.40 -1.81
CA ALA A 42 10.27 -2.12 -2.62
C ALA A 42 10.62 -3.60 -2.76
N PRO A 43 10.80 -4.32 -1.65
CA PRO A 43 11.10 -5.74 -1.73
C PRO A 43 9.87 -6.56 -2.11
N VAL A 44 10.16 -7.80 -2.52
CA VAL A 44 9.15 -8.76 -2.90
C VAL A 44 8.06 -8.83 -1.83
N GLY A 45 8.43 -8.69 -0.57
CA GLY A 45 7.47 -8.80 0.53
C GLY A 45 6.32 -7.81 0.38
N ASN A 46 6.56 -6.68 -0.28
CA ASN A 46 5.55 -5.64 -0.43
C ASN A 46 4.35 -6.10 -1.25
N ALA A 47 4.54 -7.16 -2.05
CA ALA A 47 3.51 -7.62 -2.96
C ALA A 47 2.52 -8.58 -2.28
N PHE A 48 2.79 -8.96 -1.03
CA PHE A 48 2.00 -9.97 -0.34
C PHE A 48 1.45 -9.48 0.99
N ASP A 49 1.54 -8.18 1.26
CA ASP A 49 1.26 -7.64 2.59
C ASP A 49 -0.18 -7.17 2.74
N LYS A 50 -1.03 -7.34 1.72
CA LYS A 50 -2.43 -6.96 1.83
C LYS A 50 -2.53 -5.47 2.10
N ASN A 51 -1.68 -4.71 1.38
CA ASN A 51 -1.69 -3.26 1.40
C ASN A 51 -1.46 -2.76 -0.01
N ALA A 52 -2.46 -2.05 -0.55
CA ALA A 52 -2.45 -1.58 -1.92
C ALA A 52 -1.40 -0.48 -2.14
N ASN A 53 -0.96 0.13 -1.03
CA ASN A 53 -0.06 1.26 -1.08
C ASN A 53 1.39 0.82 -1.22
N THR A 54 1.68 -0.43 -0.84
CA THR A 54 3.02 -0.96 -0.96
C THR A 54 3.13 -1.87 -2.17
N PHE A 55 4.29 -1.80 -2.82
CA PHE A 55 4.52 -2.64 -3.98
C PHE A 55 5.96 -3.20 -3.98
N TRP A 56 6.09 -4.40 -4.55
CA TRP A 56 7.36 -4.85 -5.07
C TRP A 56 7.68 -4.05 -6.34
N HIS A 57 8.97 -3.85 -6.59
CA HIS A 57 9.41 -3.21 -7.81
C HIS A 57 10.69 -3.89 -8.27
N SER A 58 10.85 -4.00 -9.58
CA SER A 58 12.07 -4.57 -10.09
C SER A 58 13.19 -3.58 -9.82
N LYS A 59 14.41 -4.12 -9.74
CA LYS A 59 15.60 -3.33 -9.50
C LYS A 59 15.86 -2.49 -10.74
N TYR A 60 15.83 -1.17 -10.55
CA TYR A 60 16.13 -0.24 -11.62
C TYR A 60 17.36 0.57 -11.26
N SER A 61 17.72 0.63 -9.97
CA SER A 61 19.01 1.22 -9.62
C SER A 61 20.09 0.32 -10.21
N ASN A 62 21.23 0.92 -10.46
CA ASN A 62 22.30 0.34 -11.23
C ASN A 62 23.02 -0.72 -10.39
N PRO A 63 23.32 -1.95 -10.87
CA PRO A 63 22.91 -2.43 -12.19
C PRO A 63 21.45 -2.86 -12.20
N SER A 64 20.69 -2.31 -13.16
CA SER A 64 19.25 -2.53 -13.27
C SER A 64 18.94 -3.88 -13.91
N ALA A 65 17.86 -4.49 -13.43
CA ALA A 65 17.33 -5.73 -13.99
C ALA A 65 16.61 -5.48 -15.31
N ASN A 66 16.48 -6.51 -16.13
CA ASN A 66 15.73 -6.40 -17.38
C ASN A 66 14.59 -7.42 -17.41
N LEU A 67 13.68 -7.23 -18.37
CA LEU A 67 12.61 -8.17 -18.65
C LEU A 67 13.20 -9.51 -19.07
N PRO A 68 12.56 -10.66 -18.78
CA PRO A 68 11.32 -10.71 -18.01
C PRO A 68 11.54 -10.50 -16.51
N HIS A 69 10.52 -10.03 -15.80
CA HIS A 69 10.61 -9.96 -14.34
C HIS A 69 9.59 -10.95 -13.82
N TRP A 70 9.82 -11.49 -12.62
CA TRP A 70 8.86 -12.40 -12.02
C TRP A 70 8.88 -12.34 -10.50
N LEU A 71 7.75 -12.77 -9.95
CA LEU A 71 7.53 -13.05 -8.54
C LEU A 71 7.12 -14.49 -8.43
N ALA A 72 7.52 -15.14 -7.35
CA ALA A 72 7.07 -16.49 -7.06
C ALA A 72 6.83 -16.65 -5.57
N PHE A 73 5.98 -17.63 -5.25
CA PHE A 73 5.62 -17.90 -3.86
C PHE A 73 4.96 -19.27 -3.74
N LYS A 74 4.81 -19.69 -2.48
CA LYS A 74 4.08 -20.89 -2.16
C LYS A 74 2.64 -20.52 -1.81
N ALA A 75 1.69 -21.23 -2.43
CA ALA A 75 0.28 -21.16 -2.08
C ALA A 75 -0.15 -22.41 -1.31
N SER A 76 -0.78 -22.21 -0.14
CA SER A 76 -1.23 -23.33 0.67
C SER A 76 -2.74 -23.27 0.85
N PRO A 77 -3.52 -23.99 -0.01
CA PRO A 77 -4.97 -23.85 -0.01
C PRO A 77 -5.73 -24.72 1.00
N GLY A 78 -5.04 -25.62 1.70
CA GLY A 78 -5.70 -26.67 2.47
C GLY A 78 -5.64 -27.97 1.69
N GLU A 79 -5.87 -29.09 2.37
CA GLU A 79 -5.57 -30.39 1.80
C GLU A 79 -6.49 -30.66 0.62
N GLY A 80 -7.81 -30.52 0.85
CA GLY A 80 -8.79 -30.85 -0.16
C GLY A 80 -9.24 -29.62 -0.95
N ASN A 81 -8.30 -28.85 -1.50
CA ASN A 81 -8.68 -27.83 -2.46
C ASN A 81 -7.53 -27.59 -3.42
N LYS A 82 -7.84 -26.75 -4.40
CA LYS A 82 -6.94 -26.45 -5.48
C LYS A 82 -7.07 -24.97 -5.79
N ILE A 83 -5.96 -24.35 -6.17
CA ILE A 83 -6.00 -22.92 -6.44
C ILE A 83 -6.67 -22.74 -7.80
N ALA A 84 -7.58 -21.76 -7.82
CA ALA A 84 -8.47 -21.50 -8.93
C ALA A 84 -7.98 -20.31 -9.76
N ALA A 85 -7.25 -19.38 -9.12
CA ALA A 85 -6.94 -18.13 -9.77
C ALA A 85 -5.77 -17.44 -9.09
N ILE A 86 -5.01 -16.69 -9.90
CA ILE A 86 -4.01 -15.72 -9.45
C ILE A 86 -4.60 -14.31 -9.66
N THR A 87 -4.46 -13.41 -8.66
CA THR A 87 -4.91 -12.04 -8.81
C THR A 87 -3.70 -11.10 -8.74
N HIS A 88 -3.78 -10.01 -9.53
CA HIS A 88 -2.73 -9.03 -9.62
C HIS A 88 -3.33 -7.65 -9.49
N LEU A 89 -2.78 -6.87 -8.56
CA LEU A 89 -3.12 -5.47 -8.37
C LEU A 89 -1.88 -4.61 -8.58
N TYR A 90 -1.96 -3.70 -9.55
CA TYR A 90 -0.86 -2.78 -9.83
C TYR A 90 -0.72 -1.80 -8.67
N ARG A 91 0.36 -1.03 -8.69
CA ARG A 91 0.45 0.13 -7.83
C ARG A 91 -0.73 1.04 -8.11
N GLN A 92 -1.13 1.85 -7.14
CA GLN A 92 -2.39 2.56 -7.23
C GLN A 92 -2.18 4.06 -7.40
N ASP A 93 -0.92 4.49 -7.40
CA ASP A 93 -0.56 5.90 -7.27
C ASP A 93 -0.56 6.56 -8.64
N LYS A 94 -0.02 5.86 -9.63
CA LYS A 94 0.10 6.43 -10.96
C LYS A 94 0.24 5.30 -11.97
N LEU A 95 0.11 5.67 -13.25
CA LEU A 95 0.35 4.75 -14.35
C LEU A 95 1.80 4.92 -14.79
N ASN A 96 2.59 3.87 -14.56
CA ASN A 96 4.04 3.89 -14.73
C ASN A 96 4.49 2.67 -15.55
N GLY A 97 3.71 2.35 -16.60
CA GLY A 97 3.98 1.19 -17.44
C GLY A 97 3.62 -0.12 -16.74
N PRO A 98 2.32 -0.38 -16.48
CA PRO A 98 1.90 -1.63 -15.88
C PRO A 98 2.12 -2.82 -16.80
N ALA A 99 2.14 -3.98 -16.17
CA ALA A 99 2.36 -5.23 -16.88
C ALA A 99 1.34 -5.39 -18.00
N LYS A 100 1.81 -5.99 -19.09
CA LYS A 100 0.98 -6.18 -20.25
C LYS A 100 0.78 -7.67 -20.51
N ASN A 101 1.83 -8.36 -21.00
CA ASN A 101 1.75 -9.77 -21.30
C ASN A 101 2.34 -10.56 -20.14
N VAL A 102 1.52 -11.40 -19.51
CA VAL A 102 1.99 -12.17 -18.37
C VAL A 102 1.76 -13.68 -18.58
N ALA A 103 2.42 -14.45 -17.72
CA ALA A 103 2.38 -15.89 -17.77
C ALA A 103 2.44 -16.42 -16.35
N VAL A 104 1.62 -17.44 -16.06
CA VAL A 104 1.65 -18.12 -14.77
C VAL A 104 2.16 -19.55 -14.94
N TYR A 105 3.11 -19.93 -14.10
CA TYR A 105 3.58 -21.30 -14.01
C TYR A 105 3.21 -21.85 -12.64
N VAL A 106 3.06 -23.17 -12.56
CA VAL A 106 2.68 -23.82 -11.32
C VAL A 106 3.40 -25.15 -11.25
N VAL A 107 3.87 -25.51 -10.06
CA VAL A 107 4.36 -26.84 -9.79
C VAL A 107 3.94 -27.22 -8.38
N ALA A 108 4.00 -28.52 -8.11
CA ALA A 108 3.68 -29.03 -6.78
C ALA A 108 4.80 -28.60 -5.84
N ALA A 109 4.42 -28.21 -4.63
CA ALA A 109 5.38 -27.82 -3.59
C ALA A 109 6.43 -28.91 -3.36
N SER A 110 6.11 -30.17 -3.68
CA SER A 110 7.03 -31.29 -3.52
C SER A 110 8.16 -31.21 -4.53
N ASP A 111 7.93 -30.50 -5.64
CA ASP A 111 8.88 -30.37 -6.74
C ASP A 111 10.23 -29.85 -6.23
N ALA A 112 10.26 -29.14 -5.09
CA ALA A 112 11.52 -28.69 -4.52
C ALA A 112 11.38 -28.35 -3.03
N ASN A 113 12.54 -28.04 -2.42
CA ASN A 113 12.61 -27.70 -1.01
C ASN A 113 11.94 -26.35 -0.79
N SER A 114 12.24 -25.40 -1.66
CA SER A 114 11.64 -24.10 -1.56
C SER A 114 11.40 -23.57 -2.97
N VAL A 115 10.66 -22.47 -3.02
CA VAL A 115 10.43 -21.78 -4.27
C VAL A 115 11.76 -21.64 -5.00
N ALA A 116 12.78 -21.10 -4.33
CA ALA A 116 14.03 -20.72 -4.99
C ALA A 116 14.76 -21.92 -5.56
N ASP A 117 14.39 -23.12 -5.10
CA ASP A 117 15.04 -24.34 -5.54
C ASP A 117 14.54 -24.76 -6.92
N VAL A 118 13.27 -24.45 -7.21
CA VAL A 118 12.61 -24.94 -8.42
C VAL A 118 13.43 -24.60 -9.66
N THR A 119 13.83 -25.65 -10.40
CA THR A 119 14.63 -25.47 -11.61
C THR A 119 13.80 -25.67 -12.88
N ASN A 120 12.66 -26.40 -12.84
CA ASN A 120 11.80 -26.50 -14.02
C ASN A 120 10.35 -26.17 -13.69
N TRP A 121 9.84 -25.12 -14.33
CA TRP A 121 8.51 -24.57 -14.04
C TRP A 121 7.46 -25.11 -15.03
N GLY A 122 7.92 -25.85 -16.05
CA GLY A 122 7.02 -26.40 -17.04
C GLY A 122 6.56 -25.31 -18.02
N GLU A 123 5.52 -25.66 -18.79
CA GLU A 123 4.92 -24.71 -19.71
C GLU A 123 4.00 -23.80 -18.92
N PRO A 124 3.83 -22.52 -19.29
CA PRO A 124 2.83 -21.69 -18.63
C PRO A 124 1.48 -22.38 -18.62
N VAL A 125 0.89 -22.52 -17.44
CA VAL A 125 -0.45 -23.08 -17.35
C VAL A 125 -1.47 -22.04 -17.77
N ALA A 126 -1.09 -20.76 -17.72
CA ALA A 126 -1.99 -19.71 -18.18
C ALA A 126 -1.21 -18.51 -18.69
N THR A 127 -1.83 -17.77 -19.60
CA THR A 127 -1.34 -16.46 -20.02
C THR A 127 -2.47 -15.44 -19.91
N ALA A 128 -2.06 -14.17 -20.00
CA ALA A 128 -2.98 -13.06 -19.98
C ALA A 128 -2.28 -11.84 -20.58
N GLU A 129 -3.10 -11.01 -21.22
CA GLU A 129 -2.72 -9.65 -21.56
C GLU A 129 -3.65 -8.76 -20.75
N PHE A 130 -3.03 -7.83 -20.03
CA PHE A 130 -3.74 -6.95 -19.14
C PHE A 130 -4.03 -5.67 -19.89
N PRO A 131 -5.22 -5.07 -19.66
CA PRO A 131 -5.51 -3.75 -20.18
C PRO A 131 -4.63 -2.69 -19.51
N TYR A 132 -4.66 -1.48 -20.08
CA TYR A 132 -3.98 -0.33 -19.52
C TYR A 132 -4.80 0.27 -18.38
N THR A 133 -4.48 -0.16 -17.16
CA THR A 133 -5.30 0.07 -15.99
C THR A 133 -4.48 -0.19 -14.73
N LYS A 134 -5.00 0.31 -13.60
CA LYS A 134 -4.55 -0.01 -12.26
C LYS A 134 -5.43 -1.09 -11.61
N GLU A 135 -6.58 -1.36 -12.22
CA GLU A 135 -7.57 -2.24 -11.65
C GLU A 135 -7.06 -3.67 -11.52
N LEU A 136 -7.69 -4.37 -10.57
CA LEU A 136 -7.37 -5.74 -10.22
C LEU A 136 -7.61 -6.64 -11.43
N GLN A 137 -6.64 -7.51 -11.73
CA GLN A 137 -6.72 -8.48 -12.79
C GLN A 137 -6.81 -9.89 -12.19
N THR A 138 -7.66 -10.73 -12.80
CA THR A 138 -7.81 -12.12 -12.40
C THR A 138 -7.45 -13.03 -13.56
N ILE A 139 -6.58 -14.00 -13.28
CA ILE A 139 -6.21 -15.06 -14.19
C ILE A 139 -6.69 -16.39 -13.61
N ALA A 140 -7.78 -16.93 -14.18
CA ALA A 140 -8.21 -18.27 -13.79
C ALA A 140 -7.19 -19.28 -14.29
N LEU A 141 -6.98 -20.31 -13.47
CA LEU A 141 -6.03 -21.37 -13.78
C LEU A 141 -6.78 -22.64 -14.20
N PRO A 142 -6.16 -23.54 -14.99
CA PRO A 142 -6.79 -24.80 -15.35
C PRO A 142 -6.80 -25.78 -14.18
N ASN A 143 -7.77 -26.72 -14.19
CA ASN A 143 -7.95 -27.66 -13.10
C ASN A 143 -7.00 -28.84 -13.29
N THR A 144 -6.09 -28.74 -14.26
CA THR A 144 -5.09 -29.76 -14.49
C THR A 144 -3.87 -29.51 -13.61
N ILE A 145 -3.86 -28.39 -12.87
CA ILE A 145 -2.76 -28.08 -11.99
C ILE A 145 -2.86 -28.96 -10.75
N PRO A 146 -1.73 -29.29 -10.09
CA PRO A 146 -1.78 -30.11 -8.89
C PRO A 146 -2.79 -29.57 -7.87
N SER A 147 -3.29 -30.49 -7.05
CA SER A 147 -4.13 -30.16 -5.92
C SER A 147 -3.24 -29.77 -4.73
N GLY A 148 -3.82 -29.10 -3.73
CA GLY A 148 -3.09 -28.77 -2.50
C GLY A 148 -1.95 -27.77 -2.73
N ASP A 149 -0.82 -27.95 -2.03
CA ASP A 149 0.18 -26.91 -1.92
C ASP A 149 1.02 -26.87 -3.19
N VAL A 150 1.17 -25.64 -3.73
CA VAL A 150 1.84 -25.40 -4.99
C VAL A 150 2.75 -24.17 -4.88
N TYR A 151 3.83 -24.23 -5.65
CA TYR A 151 4.67 -23.09 -5.97
C TYR A 151 4.11 -22.43 -7.22
N VAL A 152 4.07 -21.10 -7.24
CA VAL A 152 3.50 -20.33 -8.33
C VAL A 152 4.56 -19.34 -8.79
N LYS A 153 4.82 -19.23 -10.10
CA LYS A 153 5.63 -18.15 -10.66
C LYS A 153 4.78 -17.25 -11.54
N PHE A 154 4.63 -15.96 -11.17
CA PHE A 154 3.98 -14.97 -12.02
C PHE A 154 5.02 -14.15 -12.77
N GLN A 155 4.98 -14.22 -14.10
CA GLN A 155 6.06 -13.65 -14.89
C GLN A 155 5.52 -12.59 -15.84
N ILE A 156 6.25 -11.47 -15.89
CA ILE A 156 5.90 -10.33 -16.73
C ILE A 156 6.88 -10.29 -17.89
N ASN A 157 6.34 -10.51 -19.09
CA ASN A 157 7.17 -10.59 -20.29
C ASN A 157 7.22 -9.24 -20.97
N ASP A 158 6.19 -8.43 -20.74
CA ASP A 158 5.98 -7.23 -21.52
C ASP A 158 5.23 -6.24 -20.66
N ALA A 159 5.45 -4.96 -20.94
CA ALA A 159 4.82 -3.92 -20.17
C ALA A 159 4.25 -2.88 -21.13
N TRP A 160 3.27 -2.15 -20.62
CA TRP A 160 2.78 -0.96 -21.25
C TRP A 160 3.81 0.17 -21.17
N GLY A 161 3.71 1.13 -22.10
CA GLY A 161 4.46 2.37 -22.03
C GLY A 161 3.83 3.35 -21.06
N LEU A 162 4.21 4.61 -21.16
CA LEU A 162 3.72 5.65 -20.27
C LEU A 162 2.39 6.20 -20.78
N THR A 163 2.09 5.85 -22.05
CA THR A 163 0.76 5.85 -22.64
C THR A 163 0.58 4.50 -23.32
N GLU A 164 -0.67 4.19 -23.66
CA GLU A 164 -1.01 2.96 -24.39
C GLU A 164 -0.15 2.76 -25.64
N THR A 165 0.19 3.83 -26.36
CA THR A 165 0.88 3.73 -27.66
C THR A 165 2.37 4.04 -27.58
N SER A 166 2.93 4.38 -26.41
CA SER A 166 4.38 4.57 -26.35
C SER A 166 5.09 3.26 -26.01
N ALA A 167 6.40 3.27 -26.21
CA ALA A 167 7.20 2.07 -26.09
C ALA A 167 7.11 1.59 -24.65
N GLY A 168 6.99 0.26 -24.49
CA GLY A 168 6.84 -0.38 -23.18
C GLY A 168 8.03 -0.12 -22.26
N VAL A 169 7.77 0.01 -20.95
CA VAL A 169 8.82 0.28 -19.98
C VAL A 169 9.58 -1.02 -19.71
N THR A 170 10.75 -0.92 -19.07
CA THR A 170 11.65 -2.06 -18.91
C THR A 170 11.57 -2.63 -17.50
N TRP A 171 10.75 -1.98 -16.65
CA TRP A 171 10.62 -2.26 -15.23
C TRP A 171 9.24 -2.83 -14.93
N ALA A 172 9.03 -3.28 -13.69
CA ALA A 172 7.73 -3.80 -13.28
C ALA A 172 7.46 -3.46 -11.82
N ALA A 173 6.17 -3.44 -11.47
CA ALA A 173 5.74 -3.19 -10.12
C ALA A 173 4.39 -3.85 -9.88
N VAL A 174 4.25 -4.48 -8.71
CA VAL A 174 3.00 -5.11 -8.29
C VAL A 174 2.70 -4.74 -6.85
N ALA A 175 1.51 -4.18 -6.60
CA ALA A 175 1.08 -3.87 -5.25
C ALA A 175 0.63 -5.12 -4.50
N GLU A 176 -0.12 -6.01 -5.17
CA GLU A 176 -0.51 -7.27 -4.54
C GLU A 176 -0.65 -8.39 -5.58
N LEU A 177 -0.16 -9.56 -5.16
CA LEU A 177 -0.28 -10.80 -5.90
C LEU A 177 -0.88 -11.82 -4.93
N ALA A 178 -1.92 -12.54 -5.37
CA ALA A 178 -2.62 -13.47 -4.50
C ALA A 178 -3.22 -14.62 -5.31
N ALA A 179 -3.47 -15.74 -4.61
CA ALA A 179 -4.13 -16.91 -5.17
C ALA A 179 -5.42 -17.18 -4.39
N THR A 180 -6.50 -17.50 -5.13
CA THR A 180 -7.77 -17.91 -4.55
C THR A 180 -8.00 -19.39 -4.83
N ALA A 181 -8.94 -20.01 -4.07
CA ALA A 181 -9.31 -21.43 -4.22
C ALA A 181 -10.81 -21.63 -4.08
N THR B 22 -8.57 -0.70 -3.99
CA THR B 22 -9.21 -1.11 -2.72
C THR B 22 -10.14 0.04 -2.27
N LYS B 23 -10.36 0.26 -0.96
CA LYS B 23 -11.61 0.87 -0.52
C LYS B 23 -11.43 2.19 0.24
N ASP B 24 -10.49 3.05 -0.17
CA ASP B 24 -10.32 4.34 0.47
C ASP B 24 -11.31 5.30 -0.14
N VAL B 25 -11.91 6.21 0.64
CA VAL B 25 -12.78 7.21 0.05
C VAL B 25 -11.91 8.31 -0.59
N GLU B 26 -12.52 9.07 -1.52
CA GLU B 26 -11.88 10.20 -2.19
C GLU B 26 -11.44 11.23 -1.16
N ALA B 27 -10.19 11.69 -1.26
CA ALA B 27 -9.66 12.72 -0.38
C ALA B 27 -9.23 13.96 -1.19
N SER B 28 -9.42 15.14 -0.60
CA SER B 28 -9.09 16.39 -1.26
C SER B 28 -8.73 17.42 -0.20
N ASP B 29 -8.34 18.62 -0.66
CA ASP B 29 -8.15 19.77 0.19
C ASP B 29 -7.19 19.43 1.33
N TYR B 30 -6.02 18.91 0.94
CA TYR B 30 -5.01 18.47 1.89
C TYR B 30 -4.40 19.64 2.68
N ALA B 31 -4.06 19.38 3.95
CA ALA B 31 -3.37 20.38 4.75
C ALA B 31 -2.56 19.73 5.86
N ALA B 32 -1.54 20.45 6.33
CA ALA B 32 -0.76 20.07 7.51
C ALA B 32 -0.36 21.29 8.34
N SER B 33 -0.12 21.02 9.62
CA SER B 33 0.45 21.97 10.58
C SER B 33 1.78 22.55 10.07
N SER B 34 2.65 21.71 9.51
CA SER B 34 3.91 22.14 8.94
C SER B 34 4.36 21.07 7.95
N GLN B 35 5.43 21.34 7.18
CA GLN B 35 5.95 20.36 6.26
C GLN B 35 7.41 20.67 5.96
N GLU B 36 8.25 19.63 5.83
CA GLU B 36 9.67 19.83 5.56
C GLU B 36 9.89 19.95 4.06
N THR B 37 10.58 21.01 3.63
CA THR B 37 10.93 21.20 2.22
C THR B 37 12.41 21.54 2.06
N THR B 38 13.18 21.54 3.16
CA THR B 38 14.56 22.01 3.13
C THR B 38 15.50 20.84 3.34
N GLY B 39 15.34 20.13 4.46
CA GLY B 39 16.19 18.99 4.74
C GLY B 39 15.90 17.85 3.77
N GLU B 40 14.69 17.86 3.21
CA GLU B 40 14.20 16.87 2.26
C GLU B 40 12.88 17.39 1.71
N HIS B 41 12.37 16.71 0.67
CA HIS B 41 11.11 17.05 0.04
C HIS B 41 10.03 16.12 0.58
N ALA B 42 9.23 16.63 1.53
CA ALA B 42 8.26 15.80 2.22
C ALA B 42 6.97 16.60 2.43
N PRO B 43 6.37 17.14 1.34
CA PRO B 43 5.12 17.88 1.45
C PRO B 43 3.92 17.05 1.82
N VAL B 44 2.83 17.76 2.10
CA VAL B 44 1.60 17.18 2.59
C VAL B 44 1.05 16.20 1.54
N GLY B 45 1.18 16.55 0.26
CA GLY B 45 0.68 15.69 -0.81
C GLY B 45 1.15 14.24 -0.67
N ASN B 46 2.37 14.02 -0.15
CA ASN B 46 2.94 12.69 -0.08
C ASN B 46 2.18 11.76 0.86
N ALA B 47 1.26 12.29 1.67
CA ALA B 47 0.53 11.41 2.57
C ALA B 47 -0.74 10.90 1.91
N PHE B 48 -0.98 11.33 0.67
CA PHE B 48 -2.28 11.11 0.06
C PHE B 48 -2.19 10.45 -1.31
N ASP B 49 -1.00 10.10 -1.77
CA ASP B 49 -0.76 9.82 -3.17
C ASP B 49 -0.78 8.31 -3.48
N LYS B 50 -0.96 7.47 -2.45
CA LYS B 50 -1.06 6.03 -2.58
C LYS B 50 0.28 5.38 -2.92
N ASN B 51 1.38 6.05 -2.55
CA ASN B 51 2.71 5.52 -2.71
C ASN B 51 3.39 5.50 -1.34
N ALA B 52 3.54 4.28 -0.81
CA ALA B 52 3.95 4.11 0.58
C ALA B 52 5.39 4.57 0.75
N ASN B 53 6.09 4.81 -0.37
CA ASN B 53 7.49 5.18 -0.32
C ASN B 53 7.63 6.68 -0.45
N THR B 54 6.52 7.42 -0.43
CA THR B 54 6.59 8.85 -0.23
C THR B 54 5.85 9.16 1.06
N PHE B 55 6.31 10.20 1.78
CA PHE B 55 5.69 10.60 3.03
C PHE B 55 5.78 12.12 3.21
N TRP B 56 4.74 12.62 3.88
CA TRP B 56 4.77 13.91 4.54
C TRP B 56 5.62 13.82 5.79
N HIS B 57 6.41 14.88 6.04
CA HIS B 57 7.24 14.97 7.23
C HIS B 57 7.05 16.34 7.86
N SER B 58 6.91 16.39 9.19
CA SER B 58 6.77 17.66 9.87
C SER B 58 8.05 18.47 9.67
N LYS B 59 7.97 19.79 9.85
CA LYS B 59 9.13 20.64 9.64
C LYS B 59 10.09 20.46 10.81
N TYR B 60 11.23 19.80 10.56
CA TYR B 60 12.25 19.58 11.57
C TYR B 60 13.48 20.49 11.37
N SER B 61 13.65 21.03 10.15
CA SER B 61 14.69 22.02 9.88
C SER B 61 14.30 23.32 10.57
N ASN B 62 15.24 24.27 10.69
CA ASN B 62 15.04 25.32 11.68
C ASN B 62 14.39 26.56 11.03
N PRO B 63 13.36 27.20 11.64
CA PRO B 63 12.85 26.82 12.95
C PRO B 63 11.99 25.59 12.88
N SER B 64 12.20 24.66 13.82
CA SER B 64 11.49 23.41 13.75
C SER B 64 10.19 23.51 14.54
N ALA B 65 9.22 22.69 14.14
CA ALA B 65 7.92 22.64 14.79
C ALA B 65 7.99 21.64 15.93
N ASN B 66 7.25 21.95 17.00
CA ASN B 66 7.04 21.07 18.13
C ASN B 66 5.72 20.33 17.96
N LEU B 67 5.56 19.26 18.73
CA LEU B 67 4.29 18.56 18.85
C LEU B 67 3.27 19.50 19.48
N PRO B 68 1.95 19.36 19.19
CA PRO B 68 1.43 18.37 18.24
C PRO B 68 1.52 18.78 16.77
N HIS B 69 1.60 17.78 15.90
CA HIS B 69 1.53 18.00 14.47
C HIS B 69 0.21 17.44 13.97
N TRP B 70 -0.26 17.90 12.82
CA TRP B 70 -1.51 17.36 12.29
C TRP B 70 -1.55 17.42 10.78
N LEU B 71 -2.36 16.51 10.26
CA LEU B 71 -2.76 16.43 8.87
C LEU B 71 -4.27 16.57 8.83
N ALA B 72 -4.75 17.25 7.79
CA ALA B 72 -6.18 17.40 7.58
C ALA B 72 -6.53 17.25 6.10
N PHE B 73 -7.81 16.90 5.84
CA PHE B 73 -8.30 16.71 4.49
C PHE B 73 -9.82 16.59 4.52
N LYS B 74 -10.37 16.65 3.31
CA LYS B 74 -11.78 16.45 3.09
C LYS B 74 -11.98 15.02 2.62
N ALA B 75 -12.84 14.29 3.35
CA ALA B 75 -13.29 12.98 2.95
C ALA B 75 -14.69 13.08 2.35
N SER B 76 -14.83 12.53 1.13
CA SER B 76 -16.08 12.55 0.39
C SER B 76 -16.54 11.13 0.11
N PRO B 77 -17.34 10.52 1.01
CA PRO B 77 -17.76 9.14 0.83
C PRO B 77 -18.95 8.99 -0.13
N GLY B 78 -19.50 10.11 -0.60
CA GLY B 78 -20.64 10.11 -1.48
C GLY B 78 -21.94 9.93 -0.71
N GLU B 79 -23.06 10.15 -1.41
CA GLU B 79 -24.37 9.65 -1.04
C GLU B 79 -24.69 9.99 0.42
N GLY B 80 -25.48 9.13 1.06
CA GLY B 80 -25.62 9.13 2.51
C GLY B 80 -24.71 8.07 3.09
N ASN B 81 -23.49 7.97 2.55
CA ASN B 81 -22.46 7.15 3.15
C ASN B 81 -21.83 7.91 4.31
N LYS B 82 -21.16 7.14 5.17
CA LYS B 82 -20.48 7.64 6.34
C LYS B 82 -19.10 6.98 6.38
N ILE B 83 -18.04 7.74 6.72
CA ILE B 83 -16.74 7.12 6.87
C ILE B 83 -16.71 6.39 8.21
N ALA B 84 -15.97 5.29 8.25
CA ALA B 84 -16.06 4.36 9.35
C ALA B 84 -14.70 4.17 10.03
N ALA B 85 -13.61 4.51 9.33
CA ALA B 85 -12.29 4.33 9.89
C ALA B 85 -11.28 5.26 9.21
N ILE B 86 -10.17 5.48 9.94
CA ILE B 86 -9.00 6.14 9.43
C ILE B 86 -7.85 5.15 9.48
N THR B 87 -7.04 5.17 8.43
CA THR B 87 -5.90 4.28 8.34
C THR B 87 -4.66 5.14 8.26
N HIS B 88 -3.60 4.68 8.91
CA HIS B 88 -2.35 5.41 8.97
C HIS B 88 -1.29 4.41 8.58
N LEU B 89 -0.43 4.83 7.64
CA LEU B 89 0.77 4.08 7.31
C LEU B 89 2.02 4.96 7.48
N TYR B 90 2.94 4.45 8.32
CA TYR B 90 4.19 5.15 8.59
C TYR B 90 5.09 5.02 7.36
N ARG B 91 6.14 5.86 7.31
CA ARG B 91 7.22 5.64 6.36
C ARG B 91 7.70 4.18 6.49
N GLN B 92 8.25 3.62 5.40
CA GLN B 92 8.50 2.18 5.36
C GLN B 92 9.99 1.85 5.21
N ASP B 93 10.83 2.88 5.07
CA ASP B 93 12.25 2.72 4.79
C ASP B 93 13.04 2.46 6.08
N LYS B 94 12.62 3.09 7.19
CA LYS B 94 13.24 2.86 8.47
C LYS B 94 12.36 3.43 9.58
N LEU B 95 12.56 2.93 10.80
CA LEU B 95 11.96 3.48 12.01
C LEU B 95 12.71 4.72 12.48
N ASN B 96 11.98 5.83 12.67
CA ASN B 96 12.56 7.14 12.91
C ASN B 96 11.64 7.90 13.86
N GLY B 97 11.12 7.19 14.89
CA GLY B 97 10.26 7.79 15.89
C GLY B 97 8.82 7.94 15.39
N PRO B 98 8.11 6.82 15.17
CA PRO B 98 6.73 6.87 14.67
C PRO B 98 5.74 7.44 15.67
N ALA B 99 4.56 7.84 15.20
CA ALA B 99 3.55 8.38 16.09
C ALA B 99 3.14 7.40 17.18
N LYS B 100 2.69 7.95 18.30
CA LYS B 100 2.31 7.16 19.44
C LYS B 100 0.86 7.53 19.79
N ASN B 101 0.70 8.55 20.65
CA ASN B 101 -0.63 9.06 20.95
C ASN B 101 -1.12 9.96 19.82
N VAL B 102 -2.30 9.58 19.28
CA VAL B 102 -2.92 10.28 18.17
C VAL B 102 -4.40 10.51 18.47
N ALA B 103 -4.93 11.54 17.80
CA ALA B 103 -6.33 11.91 17.93
C ALA B 103 -6.91 12.27 16.55
N VAL B 104 -8.22 11.97 16.40
CA VAL B 104 -8.95 12.22 15.16
C VAL B 104 -10.16 13.09 15.46
N TYR B 105 -10.33 14.14 14.67
CA TYR B 105 -11.44 15.05 14.81
C TYR B 105 -12.23 14.98 13.50
N VAL B 106 -13.54 15.14 13.56
CA VAL B 106 -14.30 15.07 12.32
C VAL B 106 -15.43 16.08 12.40
N VAL B 107 -15.48 16.99 11.42
CA VAL B 107 -16.62 17.87 11.34
C VAL B 107 -17.24 17.73 9.97
N ALA B 108 -18.52 18.09 9.89
CA ALA B 108 -19.22 18.15 8.63
C ALA B 108 -18.52 19.12 7.68
N ALA B 109 -18.44 18.77 6.40
CA ALA B 109 -17.81 19.61 5.40
C ALA B 109 -18.53 20.95 5.23
N SER B 110 -19.84 20.99 5.50
CA SER B 110 -20.59 22.24 5.45
C SER B 110 -20.28 23.17 6.61
N ASP B 111 -19.54 22.69 7.64
CA ASP B 111 -19.23 23.52 8.79
C ASP B 111 -18.38 24.70 8.35
N ALA B 112 -17.72 24.56 7.19
CA ALA B 112 -16.76 25.56 6.74
C ALA B 112 -16.46 25.40 5.26
N ASN B 113 -15.90 26.47 4.72
CA ASN B 113 -15.68 26.58 3.29
C ASN B 113 -14.56 25.66 2.80
N SER B 114 -13.55 25.44 3.63
CA SER B 114 -12.46 24.54 3.28
C SER B 114 -11.87 24.05 4.57
N VAL B 115 -10.97 23.09 4.49
CA VAL B 115 -10.28 22.57 5.67
C VAL B 115 -9.61 23.71 6.44
N ALA B 116 -8.94 24.61 5.71
CA ALA B 116 -8.24 25.73 6.32
C ALA B 116 -9.20 26.65 7.10
N ASP B 117 -10.50 26.64 6.78
CA ASP B 117 -11.40 27.60 7.41
C ASP B 117 -12.10 27.00 8.62
N VAL B 118 -11.83 25.75 8.98
CA VAL B 118 -12.41 25.17 10.18
C VAL B 118 -11.81 25.88 11.38
N THR B 119 -12.68 26.36 12.28
CA THR B 119 -12.24 27.03 13.50
C THR B 119 -12.63 26.21 14.72
N ASN B 120 -13.42 25.17 14.55
CA ASN B 120 -13.79 24.41 15.71
C ASN B 120 -13.86 22.93 15.35
N TRP B 121 -12.73 22.23 15.53
CA TRP B 121 -12.64 20.79 15.30
C TRP B 121 -13.35 19.96 16.37
N GLY B 122 -13.82 20.59 17.44
CA GLY B 122 -14.54 19.93 18.50
C GLY B 122 -13.61 19.05 19.34
N GLU B 123 -14.21 18.22 20.17
CA GLU B 123 -13.48 17.18 20.87
C GLU B 123 -13.16 16.04 19.92
N PRO B 124 -12.12 15.26 20.21
CA PRO B 124 -11.80 14.12 19.34
C PRO B 124 -12.97 13.16 19.28
N VAL B 125 -13.19 12.59 18.10
CA VAL B 125 -14.20 11.56 17.91
C VAL B 125 -13.55 10.20 18.21
N ALA B 126 -12.22 10.14 18.11
CA ALA B 126 -11.49 8.91 18.40
C ALA B 126 -10.04 9.23 18.74
N THR B 127 -9.43 8.36 19.57
CA THR B 127 -8.02 8.52 19.88
C THR B 127 -7.39 7.14 19.94
N ALA B 128 -6.06 7.08 19.81
CA ALA B 128 -5.37 5.79 19.97
C ALA B 128 -3.90 6.00 20.32
N GLU B 129 -3.26 4.91 20.77
CA GLU B 129 -1.83 4.88 20.91
C GLU B 129 -1.25 3.80 20.00
N PHE B 130 -0.53 4.20 18.95
CA PHE B 130 0.03 3.18 18.08
C PHE B 130 1.21 2.51 18.77
N PRO B 131 1.42 1.21 18.57
CA PRO B 131 2.64 0.57 19.03
C PRO B 131 3.85 0.96 18.19
N TYR B 132 5.03 0.47 18.60
CA TYR B 132 6.28 0.78 17.94
C TYR B 132 6.42 -0.07 16.67
N THR B 133 6.03 0.46 15.51
CA THR B 133 5.96 -0.35 14.29
C THR B 133 5.83 0.55 13.05
N LYS B 134 6.00 -0.05 11.86
CA LYS B 134 5.70 0.64 10.62
C LYS B 134 4.42 0.08 9.99
N GLU B 135 3.83 -0.90 10.66
CA GLU B 135 2.64 -1.56 10.15
C GLU B 135 1.47 -0.60 10.10
N LEU B 136 0.55 -0.91 9.17
CA LEU B 136 -0.69 -0.18 9.00
C LEU B 136 -1.45 -0.10 10.32
N GLN B 137 -1.93 1.10 10.66
CA GLN B 137 -2.82 1.24 11.81
C GLN B 137 -4.17 1.77 11.33
N THR B 138 -5.23 1.35 12.02
CA THR B 138 -6.59 1.68 11.65
C THR B 138 -7.36 2.16 12.87
N ILE B 139 -8.02 3.30 12.76
CA ILE B 139 -8.80 3.78 13.89
C ILE B 139 -10.25 3.75 13.49
N ALA B 140 -11.07 3.00 14.23
CA ALA B 140 -12.50 3.00 14.05
C ALA B 140 -13.09 4.30 14.57
N LEU B 141 -14.12 4.78 13.87
CA LEU B 141 -14.82 6.01 14.22
C LEU B 141 -16.22 5.67 14.72
N PRO B 142 -16.77 6.36 15.73
CA PRO B 142 -18.15 6.10 16.13
C PRO B 142 -19.16 6.47 15.06
N ASN B 143 -20.30 5.78 15.08
CA ASN B 143 -21.39 6.10 14.17
C ASN B 143 -22.04 7.43 14.54
N THR B 144 -21.53 8.15 15.55
CA THR B 144 -22.14 9.42 15.90
C THR B 144 -21.61 10.53 15.00
N ILE B 145 -20.60 10.25 14.21
CA ILE B 145 -20.12 11.30 13.33
C ILE B 145 -21.17 11.57 12.27
N PRO B 146 -21.13 12.76 11.63
CA PRO B 146 -22.02 13.05 10.51
C PRO B 146 -21.79 12.17 9.30
N SER B 147 -22.87 11.86 8.59
CA SER B 147 -22.75 11.13 7.34
C SER B 147 -22.39 12.12 6.24
N GLY B 148 -22.07 11.62 5.04
CA GLY B 148 -21.73 12.50 3.94
C GLY B 148 -20.31 13.05 4.06
N ASP B 149 -20.05 14.15 3.36
CA ASP B 149 -18.70 14.69 3.22
C ASP B 149 -18.26 15.37 4.51
N VAL B 150 -17.04 15.10 4.95
CA VAL B 150 -16.60 15.59 6.24
C VAL B 150 -15.16 16.05 6.12
N TYR B 151 -14.78 16.95 7.03
CA TYR B 151 -13.38 17.29 7.18
C TYR B 151 -12.82 16.47 8.33
N VAL B 152 -11.63 15.93 8.06
CA VAL B 152 -10.91 15.10 9.01
C VAL B 152 -9.61 15.78 9.41
N LYS B 153 -9.32 15.77 10.72
CA LYS B 153 -8.04 16.18 11.25
C LYS B 153 -7.45 15.02 12.05
N PHE B 154 -6.20 14.71 11.70
CA PHE B 154 -5.40 13.67 12.31
C PHE B 154 -4.22 14.30 13.04
N GLN B 155 -4.25 14.18 14.36
CA GLN B 155 -3.32 14.88 15.22
C GLN B 155 -2.39 13.89 15.90
N ILE B 156 -1.10 14.18 15.80
CA ILE B 156 -0.09 13.45 16.54
C ILE B 156 0.31 14.26 17.78
N ASN B 157 0.01 13.71 18.96
CA ASN B 157 0.28 14.37 20.23
C ASN B 157 1.64 13.93 20.81
N ASP B 158 2.06 12.68 20.61
CA ASP B 158 3.39 12.29 21.04
C ASP B 158 3.89 11.15 20.16
N ALA B 159 5.14 10.76 20.37
CA ALA B 159 5.83 9.86 19.48
C ALA B 159 6.73 8.92 20.27
N TRP B 160 7.15 7.85 19.58
CA TRP B 160 8.21 6.98 20.01
C TRP B 160 9.56 7.66 19.76
N GLY B 161 10.59 7.12 20.41
CA GLY B 161 11.95 7.54 20.12
C GLY B 161 12.56 6.74 18.96
N LEU B 162 13.87 6.90 18.80
CA LEU B 162 14.60 6.09 17.84
C LEU B 162 14.84 4.71 18.43
N THR B 163 14.59 4.51 19.72
CA THR B 163 14.32 3.17 20.20
C THR B 163 13.02 3.24 20.97
N GLU B 164 12.50 2.05 21.27
CA GLU B 164 11.22 1.92 21.95
C GLU B 164 11.29 2.57 23.33
N THR B 165 12.43 2.44 24.03
CA THR B 165 12.51 2.87 25.42
C THR B 165 13.02 4.31 25.55
N SER B 166 13.58 4.89 24.47
CA SER B 166 14.19 6.19 24.59
C SER B 166 13.11 7.27 24.55
N ALA B 167 13.50 8.50 24.90
CA ALA B 167 12.55 9.60 24.90
C ALA B 167 11.96 9.74 23.50
N GLY B 168 10.74 10.27 23.43
CA GLY B 168 10.03 10.38 22.16
C GLY B 168 10.59 11.56 21.34
N VAL B 169 10.54 11.45 20.01
CA VAL B 169 10.94 12.54 19.12
C VAL B 169 9.86 13.61 19.12
N THR B 170 10.16 14.72 18.44
CA THR B 170 9.25 15.84 18.40
C THR B 170 8.84 16.14 16.96
N TRP B 171 9.18 15.26 16.02
CA TRP B 171 8.71 15.36 14.65
C TRP B 171 7.74 14.23 14.33
N ALA B 172 7.25 14.21 13.07
CA ALA B 172 6.34 13.16 12.60
C ALA B 172 6.42 13.04 11.09
N ALA B 173 6.10 11.81 10.62
CA ALA B 173 5.98 11.50 9.21
C ALA B 173 4.88 10.46 9.00
N VAL B 174 4.15 10.63 7.88
CA VAL B 174 3.08 9.75 7.46
C VAL B 174 3.23 9.48 5.96
N ALA B 175 3.28 8.20 5.56
CA ALA B 175 3.34 7.78 4.16
C ALA B 175 1.95 7.83 3.53
N GLU B 176 0.96 7.34 4.26
CA GLU B 176 -0.38 7.32 3.73
C GLU B 176 -1.37 7.51 4.86
N LEU B 177 -2.30 8.43 4.62
CA LEU B 177 -3.46 8.64 5.47
C LEU B 177 -4.73 8.54 4.61
N ALA B 178 -5.74 7.85 5.14
CA ALA B 178 -6.99 7.65 4.41
C ALA B 178 -8.16 7.45 5.36
N ALA B 179 -9.37 7.62 4.80
CA ALA B 179 -10.62 7.24 5.43
C ALA B 179 -11.25 6.11 4.64
N THR B 180 -11.82 5.11 5.33
CA THR B 180 -12.59 4.09 4.64
C THR B 180 -14.03 4.25 5.10
N ALA B 181 -14.96 3.78 4.26
CA ALA B 181 -16.38 4.05 4.40
C ALA B 181 -17.11 2.86 5.00
N LYS B 182 -18.30 3.14 5.58
CA LYS B 182 -19.13 2.13 6.21
C LYS B 182 -19.65 1.15 5.16
N ALA B 183 -19.76 -0.13 5.53
CA ALA B 183 -20.01 -1.24 4.60
C ALA B 183 -21.00 -0.84 3.50
CA CA C . 1.39 -4.29 -1.10
CA CA D . 2.77 8.49 0.17
#